data_1Q8S
#
_entry.id   1Q8S
#
_cell.length_a   56.88
_cell.length_b   83.38
_cell.length_c   122.57
_cell.angle_alpha   90.0
_cell.angle_beta   90.0
_cell.angle_gamma   90.0
#
_symmetry.space_group_name_H-M   'P 21 21 21'
#
loop_
_entity.id
_entity.type
_entity.pdbx_description
1 polymer lectin
2 branched 'alpha-D-mannopyranose-(1-6)-methyl alpha-D-mannopyranoside'
3 non-polymer 'MANGANESE (II) ION'
4 non-polymer 'CALCIUM ION'
5 water water
#
_entity_poly.entity_id   1
_entity_poly.type   'polypeptide(L)'
_entity_poly.pdbx_seq_one_letter_code
;(PCA)DSLSFGFPTFPSDQKNLIFQGDAQIKNNAVQLTKTDSNGNPVASTVGRILFSAQVHLWEKSSSRVANFQSQFSFS
LKSPLSNGADGIAFFIAPPDTTIPSGSGGGLLGLFAPGTAQNTSANQVIAVEFDTFYAQDSNTWDPNYPHIGIDVNSIRS
VKTVKWDRRDGQSLNVLVTFNPSTRNLDVVATYSDGTRYEVSYEVDVRSVLPEWVRVGFSAASGEQYQTHTLESWSFTST
LLYTAQKKGENLALEM
;
_entity_poly.pdbx_strand_id   A,B
#
loop_
_chem_comp.id
_chem_comp.type
_chem_comp.name
_chem_comp.formula
CA non-polymer 'CALCIUM ION' 'Ca 2'
MAN D-saccharide, alpha linking alpha-D-mannopyranose 'C6 H12 O6'
MMA D-saccharide 'methyl alpha-D-mannopyranoside' 'C7 H14 O6'
MN non-polymer 'MANGANESE (II) ION' 'Mn 2'
#
# COMPACT_ATOMS: atom_id res chain seq x y z
N PCA A 1 6.22 5.53 -3.91
CA PCA A 1 7.25 4.45 -3.87
CB PCA A 1 6.71 3.34 -2.96
CG PCA A 1 5.24 3.53 -2.95
CD PCA A 1 4.97 4.99 -3.27
OE PCA A 1 3.84 5.44 -3.23
C PCA A 1 7.55 3.89 -5.24
O PCA A 1 6.66 3.80 -6.09
N ASP A 2 8.80 3.50 -5.44
CA ASP A 2 9.22 2.91 -6.70
C ASP A 2 8.68 1.49 -6.81
N SER A 3 8.50 0.84 -5.67
CA SER A 3 7.99 -0.54 -5.68
C SER A 3 6.90 -0.69 -4.64
N LEU A 4 5.93 -1.54 -4.95
CA LEU A 4 4.80 -1.80 -4.06
C LEU A 4 4.28 -3.20 -4.31
N SER A 5 3.91 -3.90 -3.24
CA SER A 5 3.34 -5.23 -3.40
C SER A 5 2.45 -5.57 -2.21
N PHE A 6 1.39 -6.31 -2.48
CA PHE A 6 0.47 -6.73 -1.43
C PHE A 6 -0.15 -8.05 -1.83
N GLY A 7 -0.61 -8.80 -0.84
CA GLY A 7 -1.23 -10.08 -1.16
C GLY A 7 -2.39 -10.40 -0.24
N PHE A 8 -3.49 -10.81 -0.85
CA PHE A 8 -4.68 -11.22 -0.12
C PHE A 8 -4.89 -12.70 -0.39
N PRO A 9 -4.40 -13.58 0.50
CA PRO A 9 -4.60 -15.02 0.25
C PRO A 9 -6.11 -15.30 0.29
N THR A 10 -6.80 -14.58 1.18
CA THR A 10 -8.26 -14.67 1.32
C THR A 10 -8.73 -13.25 1.62
N PHE A 11 -10.03 -13.06 1.80
CA PHE A 11 -10.57 -11.73 2.09
C PHE A 11 -11.46 -11.66 3.34
N PRO A 12 -10.85 -11.55 4.53
CA PRO A 12 -11.66 -11.46 5.76
C PRO A 12 -12.53 -10.22 5.68
N SER A 13 -13.64 -10.21 6.41
CA SER A 13 -14.58 -9.09 6.38
C SER A 13 -14.02 -7.78 6.92
N ASP A 14 -12.95 -7.85 7.68
CA ASP A 14 -12.34 -6.67 8.27
C ASP A 14 -11.28 -6.04 7.36
N GLN A 15 -11.72 -5.32 6.33
CA GLN A 15 -10.80 -4.68 5.38
C GLN A 15 -10.60 -3.19 5.65
N LYS A 16 -9.39 -2.71 5.39
CA LYS A 16 -9.05 -1.30 5.61
C LYS A 16 -8.51 -0.60 4.36
N ASN A 17 -7.91 -1.35 3.46
CA ASN A 17 -7.33 -0.76 2.25
C ASN A 17 -8.02 -1.05 0.92
N LEU A 18 -9.31 -1.36 0.98
CA LEU A 18 -10.06 -1.62 -0.24
C LEU A 18 -11.18 -0.62 -0.40
N ILE A 19 -11.29 -0.07 -1.60
CA ILE A 19 -12.34 0.88 -1.94
C ILE A 19 -13.44 0.08 -2.61
N PHE A 20 -14.62 0.03 -1.98
CA PHE A 20 -15.75 -0.71 -2.52
C PHE A 20 -16.66 0.25 -3.28
N GLN A 21 -17.04 -0.13 -4.50
CA GLN A 21 -17.92 0.69 -5.31
C GLN A 21 -19.06 -0.17 -5.80
N GLY A 22 -20.26 0.39 -5.90
CA GLY A 22 -21.40 -0.39 -6.36
C GLY A 22 -21.84 -1.40 -5.32
N ASP A 23 -22.17 -2.62 -5.77
CA ASP A 23 -22.64 -3.65 -4.85
C ASP A 23 -21.58 -4.60 -4.29
N ALA A 24 -20.31 -4.32 -4.54
CA ALA A 24 -19.26 -5.20 -4.05
C ALA A 24 -19.17 -5.24 -2.53
N GLN A 25 -18.99 -6.43 -1.98
CA GLN A 25 -18.85 -6.57 -0.53
C GLN A 25 -18.21 -7.90 -0.19
N ILE A 26 -17.80 -8.05 1.07
CA ILE A 26 -17.16 -9.27 1.54
C ILE A 26 -18.17 -10.27 2.11
N LYS A 27 -18.06 -11.51 1.65
CA LYS A 27 -18.92 -12.60 2.13
C LYS A 27 -18.16 -13.91 2.06
N ASN A 28 -18.11 -14.62 3.18
CA ASN A 28 -17.43 -15.89 3.25
C ASN A 28 -15.95 -15.80 2.86
N ASN A 29 -15.26 -14.82 3.42
CA ASN A 29 -13.83 -14.61 3.18
C ASN A 29 -13.46 -14.45 1.69
N ALA A 30 -14.39 -13.92 0.92
CA ALA A 30 -14.15 -13.69 -0.50
C ALA A 30 -14.87 -12.41 -0.86
N VAL A 31 -14.51 -11.82 -1.99
CA VAL A 31 -15.15 -10.59 -2.42
C VAL A 31 -16.24 -10.94 -3.44
N GLN A 32 -17.48 -10.58 -3.11
CA GLN A 32 -18.60 -10.81 -4.02
C GLN A 32 -18.79 -9.50 -4.77
N LEU A 33 -18.30 -9.44 -6.01
CA LEU A 33 -18.40 -8.21 -6.80
C LEU A 33 -19.82 -7.81 -7.14
N THR A 34 -20.64 -8.80 -7.48
CA THR A 34 -22.03 -8.54 -7.83
C THR A 34 -22.96 -8.99 -6.72
N LYS A 35 -24.11 -8.31 -6.61
CA LYS A 35 -25.10 -8.59 -5.58
C LYS A 35 -25.65 -10.01 -5.56
N THR A 36 -25.92 -10.52 -4.36
CA THR A 36 -26.47 -11.85 -4.16
C THR A 36 -27.56 -11.73 -3.10
N ASP A 37 -28.57 -12.60 -3.16
CA ASP A 37 -29.65 -12.55 -2.17
C ASP A 37 -29.26 -13.20 -0.86
N SER A 38 -30.23 -13.29 0.06
CA SER A 38 -30.03 -13.89 1.38
C SER A 38 -29.51 -15.32 1.33
N ASN A 39 -29.81 -16.03 0.26
CA ASN A 39 -29.40 -17.42 0.13
C ASN A 39 -28.08 -17.57 -0.62
N GLY A 40 -27.52 -16.44 -1.05
CA GLY A 40 -26.26 -16.47 -1.77
C GLY A 40 -26.42 -16.69 -3.26
N ASN A 41 -27.63 -16.46 -3.76
CA ASN A 41 -27.92 -16.63 -5.17
C ASN A 41 -27.76 -15.31 -5.93
N PRO A 42 -27.18 -15.37 -7.13
CA PRO A 42 -26.95 -14.18 -7.95
C PRO A 42 -28.26 -13.51 -8.36
N VAL A 43 -28.23 -12.20 -8.47
CA VAL A 43 -29.40 -11.43 -8.88
C VAL A 43 -29.08 -10.66 -10.15
N ALA A 44 -30.12 -10.15 -10.80
CA ALA A 44 -29.97 -9.39 -12.03
C ALA A 44 -29.69 -7.92 -11.73
N SER A 45 -29.31 -7.17 -12.76
CA SER A 45 -29.01 -5.74 -12.63
C SER A 45 -28.16 -5.40 -11.43
N THR A 46 -26.86 -5.67 -11.53
CA THR A 46 -25.94 -5.38 -10.45
C THR A 46 -24.51 -5.16 -10.97
N VAL A 47 -23.85 -4.16 -10.40
CA VAL A 47 -22.47 -3.84 -10.76
C VAL A 47 -21.70 -3.63 -9.47
N GLY A 48 -20.45 -4.05 -9.46
CA GLY A 48 -19.62 -3.89 -8.27
C GLY A 48 -18.16 -3.86 -8.65
N ARG A 49 -17.36 -3.11 -7.90
CA ARG A 49 -15.93 -3.03 -8.17
C ARG A 49 -15.17 -2.81 -6.87
N ILE A 50 -13.88 -3.14 -6.88
CA ILE A 50 -13.00 -2.91 -5.74
C ILE A 50 -11.67 -2.41 -6.29
N LEU A 51 -11.03 -1.51 -5.55
CA LEU A 51 -9.75 -0.94 -5.95
C LEU A 51 -8.88 -0.92 -4.71
N PHE A 52 -7.57 -1.12 -4.89
CA PHE A 52 -6.68 -1.08 -3.74
C PHE A 52 -6.53 0.42 -3.46
N SER A 53 -6.49 0.81 -2.18
CA SER A 53 -6.42 2.23 -1.84
C SER A 53 -5.13 2.93 -2.25
N ALA A 54 -3.98 2.30 -2.03
CA ALA A 54 -2.71 2.91 -2.38
C ALA A 54 -2.58 3.03 -3.90
N GLN A 55 -2.11 4.19 -4.36
CA GLN A 55 -1.93 4.40 -5.78
C GLN A 55 -0.65 3.76 -6.26
N VAL A 56 -0.65 3.27 -7.49
CA VAL A 56 0.53 2.62 -8.07
C VAL A 56 1.24 3.55 -9.05
N HIS A 57 2.57 3.66 -8.92
CA HIS A 57 3.35 4.52 -9.81
C HIS A 57 3.72 3.64 -11.02
N LEU A 58 2.90 3.73 -12.06
CA LEU A 58 3.06 2.95 -13.29
C LEU A 58 4.22 3.40 -14.17
N TRP A 59 4.45 4.70 -14.23
CA TRP A 59 5.58 5.22 -15.00
C TRP A 59 5.95 6.61 -14.52
N GLU A 60 7.19 6.99 -14.81
CA GLU A 60 7.71 8.28 -14.36
C GLU A 60 8.38 9.00 -15.53
N LYS A 61 7.82 10.14 -15.91
CA LYS A 61 8.35 10.91 -17.02
C LYS A 61 9.76 11.46 -16.77
N SER A 62 9.97 12.06 -15.61
CA SER A 62 11.27 12.64 -15.27
C SER A 62 12.45 11.67 -15.42
N SER A 63 12.25 10.40 -15.06
CA SER A 63 13.33 9.42 -15.15
C SER A 63 13.22 8.47 -16.32
N SER A 64 12.11 8.56 -17.06
CA SER A 64 11.90 7.70 -18.22
C SER A 64 11.71 6.23 -17.82
N ARG A 65 11.31 5.99 -16.58
CA ARG A 65 11.10 4.62 -16.11
C ARG A 65 9.65 4.18 -16.26
N VAL A 66 9.46 2.88 -16.47
CA VAL A 66 8.14 2.30 -16.60
C VAL A 66 8.11 1.08 -15.69
N ALA A 67 6.97 0.87 -15.05
CA ALA A 67 6.85 -0.24 -14.13
C ALA A 67 6.60 -1.60 -14.76
N ASN A 68 7.20 -2.61 -14.15
CA ASN A 68 7.00 -3.98 -14.54
C ASN A 68 6.02 -4.43 -13.46
N PHE A 69 4.93 -5.07 -13.83
CA PHE A 69 3.99 -5.51 -12.80
C PHE A 69 3.43 -6.89 -13.06
N GLN A 70 2.93 -7.51 -12.00
CA GLN A 70 2.35 -8.85 -12.06
C GLN A 70 1.16 -8.87 -11.13
N SER A 71 0.06 -9.46 -11.60
CA SER A 71 -1.14 -9.58 -10.78
C SER A 71 -1.57 -11.03 -10.88
N GLN A 72 -1.69 -11.67 -9.72
CA GLN A 72 -2.09 -13.08 -9.67
C GLN A 72 -3.38 -13.09 -8.87
N PHE A 73 -4.39 -13.77 -9.40
CA PHE A 73 -5.68 -13.83 -8.72
C PHE A 73 -6.49 -15.03 -9.18
N SER A 74 -7.48 -15.41 -8.38
CA SER A 74 -8.33 -16.53 -8.74
C SER A 74 -9.77 -16.16 -8.43
N PHE A 75 -10.68 -16.58 -9.30
CA PHE A 75 -12.10 -16.29 -9.10
C PHE A 75 -12.93 -17.48 -9.57
N SER A 76 -14.20 -17.48 -9.22
CA SER A 76 -15.12 -18.52 -9.65
C SER A 76 -16.47 -17.87 -9.96
N LEU A 77 -17.20 -18.47 -10.88
CA LEU A 77 -18.50 -17.97 -11.29
C LEU A 77 -19.52 -19.07 -11.07
N LYS A 78 -20.67 -18.72 -10.49
CA LYS A 78 -21.72 -19.69 -10.22
C LYS A 78 -23.09 -19.11 -10.58
N SER A 79 -23.94 -19.95 -11.16
CA SER A 79 -25.27 -19.51 -11.56
C SER A 79 -26.24 -20.68 -11.72
N PRO A 80 -27.48 -20.49 -11.24
CA PRO A 80 -28.52 -21.51 -11.34
C PRO A 80 -28.82 -21.77 -12.81
N LEU A 81 -28.66 -20.73 -13.62
CA LEU A 81 -28.87 -20.79 -15.06
C LEU A 81 -27.71 -21.53 -15.70
N SER A 82 -27.44 -21.21 -16.97
CA SER A 82 -26.33 -21.81 -17.69
C SER A 82 -25.72 -20.74 -18.61
N ASN A 83 -26.48 -19.65 -18.80
CA ASN A 83 -26.00 -18.53 -19.61
C ASN A 83 -25.62 -17.42 -18.63
N GLY A 84 -24.78 -17.75 -17.64
CA GLY A 84 -24.38 -16.75 -16.68
C GLY A 84 -23.78 -15.53 -17.37
N ALA A 85 -24.05 -14.35 -16.83
CA ALA A 85 -23.54 -13.10 -17.39
C ALA A 85 -23.20 -12.16 -16.22
N ASP A 86 -22.39 -11.13 -16.46
CA ASP A 86 -21.78 -10.82 -17.75
C ASP A 86 -20.28 -11.06 -17.82
N GLY A 87 -19.63 -11.01 -16.66
CA GLY A 87 -18.20 -11.23 -16.64
C GLY A 87 -17.49 -10.41 -15.60
N ILE A 88 -16.23 -10.76 -15.37
CA ILE A 88 -15.39 -10.07 -14.39
C ILE A 88 -14.14 -9.58 -15.11
N ALA A 89 -13.59 -8.47 -14.65
CA ALA A 89 -12.40 -7.93 -15.29
C ALA A 89 -11.41 -7.34 -14.31
N PHE A 90 -10.14 -7.55 -14.59
CA PHE A 90 -9.08 -6.96 -13.79
C PHE A 90 -8.81 -5.67 -14.56
N PHE A 91 -8.70 -4.53 -13.87
CA PHE A 91 -8.44 -3.31 -14.61
C PHE A 91 -7.49 -2.33 -13.93
N ILE A 92 -6.99 -1.41 -14.73
CA ILE A 92 -6.05 -0.38 -14.27
C ILE A 92 -6.63 0.90 -14.84
N ALA A 93 -6.74 1.93 -14.00
CA ALA A 93 -7.32 3.20 -14.42
C ALA A 93 -6.88 4.36 -13.52
N PRO A 94 -7.24 5.60 -13.89
CA PRO A 94 -6.87 6.77 -13.08
C PRO A 94 -7.36 6.55 -11.66
N PRO A 95 -6.70 7.17 -10.67
CA PRO A 95 -7.07 7.03 -9.25
C PRO A 95 -8.50 7.42 -8.86
N ASP A 96 -9.07 8.40 -9.54
CA ASP A 96 -10.43 8.84 -9.20
C ASP A 96 -11.56 8.10 -9.91
N THR A 97 -11.22 7.06 -10.66
CA THR A 97 -12.23 6.30 -11.40
C THR A 97 -13.41 5.85 -10.52
N THR A 98 -14.60 5.93 -11.11
CA THR A 98 -15.85 5.53 -10.45
C THR A 98 -16.70 4.81 -11.50
N ILE A 99 -17.72 4.09 -11.05
CA ILE A 99 -18.60 3.37 -11.97
C ILE A 99 -19.30 4.34 -12.91
N PRO A 100 -19.05 4.23 -14.22
CA PRO A 100 -19.70 5.14 -15.18
C PRO A 100 -21.20 4.90 -15.18
N SER A 101 -21.96 5.96 -15.45
CA SER A 101 -23.41 5.86 -15.48
C SER A 101 -23.85 4.95 -16.62
N GLY A 102 -24.70 3.98 -16.31
CA GLY A 102 -25.20 3.04 -17.31
C GLY A 102 -24.17 2.05 -17.83
N SER A 103 -23.24 1.63 -16.97
CA SER A 103 -22.20 0.69 -17.37
C SER A 103 -22.48 -0.75 -16.96
N GLY A 104 -23.74 -1.07 -16.68
CA GLY A 104 -24.07 -2.41 -16.27
C GLY A 104 -24.04 -3.41 -17.43
N GLY A 105 -24.45 -4.64 -17.16
CA GLY A 105 -24.47 -5.65 -18.18
C GLY A 105 -23.14 -5.89 -18.88
N GLY A 106 -23.21 -5.89 -20.21
CA GLY A 106 -22.02 -6.13 -21.03
C GLY A 106 -20.92 -5.09 -21.01
N LEU A 107 -21.16 -3.95 -20.38
CA LEU A 107 -20.14 -2.92 -20.30
C LEU A 107 -19.25 -3.17 -19.08
N LEU A 108 -19.59 -4.24 -18.37
CA LEU A 108 -18.84 -4.71 -17.22
C LEU A 108 -18.51 -3.69 -16.13
N GLY A 109 -19.25 -2.59 -16.08
CA GLY A 109 -19.00 -1.57 -15.07
C GLY A 109 -17.74 -0.77 -15.36
N LEU A 110 -17.24 -0.86 -16.59
CA LEU A 110 -16.03 -0.16 -16.98
C LEU A 110 -16.22 1.00 -17.94
N PHE A 111 -17.19 0.90 -18.84
CA PHE A 111 -17.39 1.97 -19.80
C PHE A 111 -18.80 2.57 -19.80
N ALA A 112 -18.92 3.77 -20.35
CA ALA A 112 -20.20 4.45 -20.45
C ALA A 112 -20.77 4.05 -21.81
N PRO A 113 -22.09 3.87 -21.90
CA PRO A 113 -22.72 3.48 -23.17
C PRO A 113 -22.31 4.30 -24.37
N GLY A 114 -22.37 5.62 -24.23
CA GLY A 114 -22.04 6.50 -25.34
C GLY A 114 -20.60 6.52 -25.84
N THR A 115 -19.66 6.11 -25.00
CA THR A 115 -18.25 6.13 -25.39
C THR A 115 -17.54 4.78 -25.23
N ALA A 116 -18.30 3.72 -25.01
CA ALA A 116 -17.75 2.38 -24.81
C ALA A 116 -16.74 1.94 -25.86
N GLN A 117 -16.92 2.36 -27.10
CA GLN A 117 -16.00 1.97 -28.17
C GLN A 117 -15.17 3.14 -28.70
N ASN A 118 -15.16 4.24 -27.95
CA ASN A 118 -14.40 5.43 -28.33
C ASN A 118 -13.07 5.41 -27.58
N THR A 119 -12.01 4.92 -28.22
CA THR A 119 -10.70 4.83 -27.59
C THR A 119 -10.12 6.16 -27.10
N SER A 120 -10.50 7.26 -27.74
CA SER A 120 -9.98 8.56 -27.34
C SER A 120 -10.75 9.19 -26.18
N ALA A 121 -11.80 8.52 -25.72
CA ALA A 121 -12.60 9.05 -24.63
C ALA A 121 -12.39 8.29 -23.33
N ASN A 122 -11.57 7.24 -23.37
CA ASN A 122 -11.33 6.42 -22.18
C ASN A 122 -9.85 6.31 -21.81
N GLN A 123 -9.61 5.89 -20.58
CA GLN A 123 -8.27 5.66 -20.02
C GLN A 123 -8.38 4.45 -19.13
N VAL A 124 -8.23 3.26 -19.71
CA VAL A 124 -8.35 2.04 -18.94
C VAL A 124 -7.80 0.85 -19.70
N ILE A 125 -7.12 -0.02 -18.97
CA ILE A 125 -6.59 -1.24 -19.53
C ILE A 125 -7.21 -2.31 -18.65
N ALA A 126 -7.84 -3.30 -19.26
CA ALA A 126 -8.47 -4.35 -18.47
C ALA A 126 -8.35 -5.72 -19.12
N VAL A 127 -8.39 -6.75 -18.30
CA VAL A 127 -8.34 -8.13 -18.77
C VAL A 127 -9.70 -8.65 -18.37
N GLU A 128 -10.54 -8.91 -19.37
CA GLU A 128 -11.89 -9.37 -19.10
C GLU A 128 -12.09 -10.86 -19.33
N PHE A 129 -13.02 -11.42 -18.55
CA PHE A 129 -13.40 -12.82 -18.65
C PHE A 129 -14.89 -12.68 -18.91
N ASP A 130 -15.20 -12.68 -20.20
CA ASP A 130 -16.54 -12.46 -20.73
C ASP A 130 -17.32 -13.74 -21.02
N THR A 131 -18.44 -13.92 -20.34
CA THR A 131 -19.25 -15.13 -20.52
C THR A 131 -20.54 -14.93 -21.31
N PHE A 132 -20.86 -13.70 -21.70
CA PHE A 132 -22.10 -13.45 -22.44
C PHE A 132 -21.75 -12.71 -23.73
N TYR A 133 -22.21 -13.23 -24.86
CA TYR A 133 -21.87 -12.67 -26.15
C TYR A 133 -23.02 -12.49 -27.15
N ALA A 134 -24.26 -12.51 -26.66
CA ALA A 134 -25.41 -12.35 -27.54
C ALA A 134 -25.21 -11.14 -28.42
N GLN A 135 -25.17 -11.37 -29.73
CA GLN A 135 -24.94 -10.34 -30.73
C GLN A 135 -25.96 -9.20 -30.81
N ASP A 136 -27.08 -9.34 -30.11
CA ASP A 136 -28.09 -8.28 -30.13
C ASP A 136 -27.75 -7.19 -29.11
N SER A 137 -27.16 -7.57 -27.99
CA SER A 137 -26.78 -6.63 -26.94
C SER A 137 -25.27 -6.40 -26.83
N ASN A 138 -24.47 -7.42 -27.13
CA ASN A 138 -23.01 -7.30 -27.08
C ASN A 138 -22.43 -7.39 -28.49
N THR A 139 -22.82 -6.44 -29.34
CA THR A 139 -22.41 -6.42 -30.74
C THR A 139 -20.90 -6.39 -30.98
N TRP A 140 -20.15 -5.96 -29.97
CA TRP A 140 -18.70 -5.86 -30.05
C TRP A 140 -17.96 -7.17 -29.78
N ASP A 141 -18.66 -8.17 -29.23
CA ASP A 141 -18.05 -9.45 -28.90
C ASP A 141 -17.97 -10.52 -29.97
N PRO A 142 -16.94 -11.38 -29.89
CA PRO A 142 -16.81 -12.47 -30.86
C PRO A 142 -17.97 -13.38 -30.41
N ASN A 143 -18.46 -14.24 -31.27
CA ASN A 143 -19.60 -15.09 -30.92
C ASN A 143 -19.29 -16.32 -30.05
N TYR A 144 -18.66 -16.11 -28.91
CA TYR A 144 -18.32 -17.20 -28.00
C TYR A 144 -17.66 -16.68 -26.73
N PRO A 145 -17.74 -17.45 -25.62
CA PRO A 145 -17.13 -17.00 -24.36
C PRO A 145 -15.64 -16.75 -24.64
N HIS A 146 -15.07 -15.77 -23.98
CA HIS A 146 -13.68 -15.42 -24.25
C HIS A 146 -12.99 -14.59 -23.19
N ILE A 147 -11.67 -14.58 -23.26
CA ILE A 147 -10.85 -13.76 -22.38
C ILE A 147 -10.38 -12.69 -23.33
N GLY A 148 -10.43 -11.44 -22.91
CA GLY A 148 -9.98 -10.39 -23.81
C GLY A 148 -9.14 -9.34 -23.13
N ILE A 149 -8.35 -8.63 -23.92
CA ILE A 149 -7.52 -7.54 -23.43
C ILE A 149 -8.19 -6.27 -23.97
N ASP A 150 -8.61 -5.40 -23.06
CA ASP A 150 -9.29 -4.17 -23.42
C ASP A 150 -8.41 -2.94 -23.22
N VAL A 151 -8.23 -2.15 -24.27
CA VAL A 151 -7.44 -0.94 -24.18
C VAL A 151 -8.30 0.22 -24.66
N ASN A 152 -8.88 0.95 -23.69
CA ASN A 152 -9.75 2.09 -23.95
C ASN A 152 -11.04 1.80 -24.71
N SER A 153 -11.45 0.53 -24.75
CA SER A 153 -12.68 0.16 -25.44
C SER A 153 -13.21 -1.20 -24.99
N ILE A 154 -14.53 -1.35 -24.99
CA ILE A 154 -15.14 -2.61 -24.59
C ILE A 154 -14.90 -3.66 -25.68
N ARG A 155 -14.50 -3.20 -26.86
CA ARG A 155 -14.20 -4.13 -27.94
C ARG A 155 -12.72 -4.49 -27.84
N SER A 156 -12.46 -5.67 -27.31
CA SER A 156 -11.10 -6.14 -27.11
C SER A 156 -10.17 -6.02 -28.30
N VAL A 157 -8.90 -5.70 -28.05
CA VAL A 157 -7.93 -5.59 -29.12
C VAL A 157 -7.43 -7.01 -29.43
N LYS A 158 -7.63 -7.92 -28.47
CA LYS A 158 -7.23 -9.31 -28.64
C LYS A 158 -8.05 -10.21 -27.72
N THR A 159 -8.44 -11.38 -28.22
CA THR A 159 -9.23 -12.34 -27.45
C THR A 159 -8.83 -13.77 -27.74
N VAL A 160 -9.26 -14.68 -26.87
CA VAL A 160 -9.02 -16.10 -27.05
C VAL A 160 -10.27 -16.80 -26.55
N LYS A 161 -10.70 -17.86 -27.26
CA LYS A 161 -11.88 -18.56 -26.81
C LYS A 161 -11.60 -19.14 -25.43
N TRP A 162 -12.61 -19.09 -24.56
CA TRP A 162 -12.49 -19.57 -23.20
C TRP A 162 -13.70 -20.42 -22.83
N ASP A 163 -13.56 -21.30 -21.84
CA ASP A 163 -14.68 -22.12 -21.42
C ASP A 163 -15.10 -21.74 -20.01
N ARG A 164 -16.38 -21.45 -19.84
CA ARG A 164 -16.91 -21.09 -18.52
C ARG A 164 -17.26 -22.38 -17.79
N ARG A 165 -16.73 -22.54 -16.58
CA ARG A 165 -17.03 -23.74 -15.79
C ARG A 165 -17.68 -23.30 -14.48
N ASP A 166 -18.96 -23.59 -14.34
CA ASP A 166 -19.71 -23.19 -13.15
C ASP A 166 -19.07 -23.72 -11.87
N GLY A 167 -18.82 -22.81 -10.93
CA GLY A 167 -18.25 -23.20 -9.66
C GLY A 167 -16.79 -23.61 -9.58
N GLN A 168 -16.05 -23.54 -10.68
CA GLN A 168 -14.64 -23.91 -10.66
C GLN A 168 -13.75 -22.67 -10.67
N SER A 169 -12.75 -22.67 -9.79
CA SER A 169 -11.83 -21.53 -9.68
C SER A 169 -10.85 -21.44 -10.85
N LEU A 170 -10.69 -20.24 -11.39
CA LEU A 170 -9.76 -20.01 -12.48
C LEU A 170 -8.58 -19.25 -11.87
N ASN A 171 -7.38 -19.75 -12.08
CA ASN A 171 -6.18 -19.10 -11.55
C ASN A 171 -5.60 -18.25 -12.68
N VAL A 172 -5.37 -16.97 -12.40
CA VAL A 172 -4.88 -16.07 -13.42
C VAL A 172 -3.60 -15.33 -13.07
N LEU A 173 -2.74 -15.20 -14.07
CA LEU A 173 -1.49 -14.47 -13.93
C LEU A 173 -1.43 -13.45 -15.05
N VAL A 174 -1.38 -12.17 -14.69
CA VAL A 174 -1.30 -11.08 -15.67
C VAL A 174 0.06 -10.43 -15.44
N THR A 175 0.84 -10.27 -16.50
CA THR A 175 2.16 -9.68 -16.41
C THR A 175 2.45 -8.62 -17.47
N PHE A 176 3.12 -7.55 -17.06
CA PHE A 176 3.50 -6.51 -18.01
C PHE A 176 5.01 -6.30 -17.91
N ASN A 177 5.70 -6.54 -19.03
CA ASN A 177 7.14 -6.38 -19.11
C ASN A 177 7.40 -5.06 -19.86
N PRO A 178 7.93 -4.04 -19.18
CA PRO A 178 8.20 -2.75 -19.82
C PRO A 178 9.28 -2.79 -20.90
N SER A 179 10.14 -3.79 -20.86
CA SER A 179 11.21 -3.91 -21.84
C SER A 179 10.68 -4.30 -23.22
N THR A 180 9.70 -5.20 -23.24
CA THR A 180 9.09 -5.65 -24.50
C THR A 180 7.71 -5.04 -24.71
N ARG A 181 7.15 -4.46 -23.65
CA ARG A 181 5.82 -3.85 -23.70
C ARG A 181 4.72 -4.91 -23.87
N ASN A 182 5.05 -6.15 -23.61
CA ASN A 182 4.10 -7.25 -23.71
C ASN A 182 3.27 -7.42 -22.45
N LEU A 183 1.96 -7.39 -22.62
CA LEU A 183 1.03 -7.60 -21.51
C LEU A 183 0.60 -9.06 -21.73
N ASP A 184 1.02 -9.95 -20.84
CA ASP A 184 0.68 -11.37 -20.99
C ASP A 184 -0.33 -11.86 -19.98
N VAL A 185 -1.25 -12.69 -20.44
CA VAL A 185 -2.27 -13.26 -19.58
C VAL A 185 -2.24 -14.77 -19.70
N VAL A 186 -2.21 -15.45 -18.56
CA VAL A 186 -2.23 -16.90 -18.52
C VAL A 186 -3.28 -17.30 -17.49
N ALA A 187 -4.27 -18.08 -17.92
CA ALA A 187 -5.32 -18.52 -17.01
C ALA A 187 -5.37 -20.04 -17.06
N THR A 188 -5.59 -20.66 -15.91
CA THR A 188 -5.64 -22.11 -15.85
C THR A 188 -6.64 -22.65 -14.84
N TYR A 189 -7.26 -23.78 -15.19
CA TYR A 189 -8.18 -24.44 -14.28
C TYR A 189 -7.36 -25.46 -13.50
N SER A 190 -7.91 -26.01 -12.42
CA SER A 190 -7.14 -26.96 -11.62
C SER A 190 -6.62 -28.18 -12.39
N ASP A 191 -7.35 -28.62 -13.42
CA ASP A 191 -6.93 -29.79 -14.19
C ASP A 191 -5.81 -29.52 -15.19
N GLY A 192 -5.33 -28.29 -15.24
CA GLY A 192 -4.26 -27.97 -16.16
C GLY A 192 -4.73 -27.32 -17.46
N THR A 193 -6.03 -27.26 -17.69
CA THR A 193 -6.51 -26.62 -18.92
C THR A 193 -6.01 -25.17 -18.85
N ARG A 194 -5.32 -24.76 -19.90
CA ARG A 194 -4.68 -23.46 -19.95
C ARG A 194 -5.13 -22.53 -21.09
N TYR A 195 -5.18 -21.23 -20.83
CA TYR A 195 -5.55 -20.26 -21.86
C TYR A 195 -4.55 -19.12 -21.83
N GLU A 196 -4.08 -18.69 -23.00
CA GLU A 196 -3.12 -17.61 -23.07
C GLU A 196 -3.48 -16.57 -24.12
N VAL A 197 -3.26 -15.31 -23.78
CA VAL A 197 -3.52 -14.23 -24.70
C VAL A 197 -2.51 -13.14 -24.38
N SER A 198 -1.97 -12.52 -25.41
CA SER A 198 -0.96 -11.49 -25.22
C SER A 198 -1.15 -10.30 -26.13
N TYR A 199 -0.56 -9.17 -25.76
CA TYR A 199 -0.68 -7.97 -26.58
C TYR A 199 0.37 -6.93 -26.20
N GLU A 200 0.91 -6.26 -27.21
CA GLU A 200 1.92 -5.24 -27.01
C GLU A 200 1.25 -3.88 -26.86
N VAL A 201 1.53 -3.20 -25.75
CA VAL A 201 0.93 -1.89 -25.48
C VAL A 201 1.86 -1.00 -24.68
N ASP A 202 1.94 0.26 -25.08
CA ASP A 202 2.77 1.24 -24.38
C ASP A 202 1.85 1.88 -23.35
N VAL A 203 1.94 1.45 -22.10
CA VAL A 203 1.08 1.99 -21.06
C VAL A 203 1.18 3.50 -20.90
N ARG A 204 2.33 4.07 -21.25
CA ARG A 204 2.54 5.51 -21.11
C ARG A 204 1.62 6.37 -21.97
N SER A 205 1.12 5.82 -23.08
CA SER A 205 0.25 6.57 -23.96
C SER A 205 -1.22 6.33 -23.65
N VAL A 206 -1.49 5.52 -22.64
CA VAL A 206 -2.85 5.20 -22.27
C VAL A 206 -3.27 5.64 -20.88
N LEU A 207 -2.38 5.45 -19.92
CA LEU A 207 -2.65 5.79 -18.53
C LEU A 207 -1.70 6.84 -17.96
N PRO A 208 -2.15 7.58 -16.94
CA PRO A 208 -1.31 8.61 -16.31
C PRO A 208 -0.21 7.92 -15.51
N GLU A 209 0.71 8.70 -14.93
CA GLU A 209 1.81 8.16 -14.13
C GLU A 209 1.34 7.37 -12.90
N TRP A 210 0.29 7.84 -12.25
CA TRP A 210 -0.24 7.17 -11.07
C TRP A 210 -1.62 6.61 -11.35
N VAL A 211 -1.84 5.37 -10.92
CA VAL A 211 -3.12 4.71 -11.18
C VAL A 211 -3.57 3.89 -9.98
N ARG A 212 -4.74 3.30 -10.11
CA ARG A 212 -5.27 2.40 -9.10
C ARG A 212 -5.60 1.12 -9.86
N VAL A 213 -5.56 -0.01 -9.17
CA VAL A 213 -5.85 -1.28 -9.81
C VAL A 213 -6.95 -1.96 -9.02
N GLY A 214 -7.74 -2.79 -9.68
CA GLY A 214 -8.82 -3.47 -9.00
C GLY A 214 -9.59 -4.39 -9.91
N PHE A 215 -10.82 -4.70 -9.52
CA PHE A 215 -11.68 -5.58 -10.31
C PHE A 215 -13.09 -5.03 -10.44
N SER A 216 -13.73 -5.36 -11.56
CA SER A 216 -15.09 -4.94 -11.81
C SER A 216 -15.86 -6.15 -12.35
N ALA A 217 -17.16 -6.17 -12.10
CA ALA A 217 -18.01 -7.26 -12.56
C ALA A 217 -19.42 -6.71 -12.66
N ALA A 218 -20.23 -7.36 -13.49
CA ALA A 218 -21.61 -6.91 -13.69
C ALA A 218 -22.51 -8.01 -14.23
N SER A 219 -23.80 -7.87 -13.94
CA SER A 219 -24.83 -8.78 -14.41
C SER A 219 -26.00 -7.91 -14.85
N GLY A 220 -26.45 -8.11 -16.09
CA GLY A 220 -27.59 -7.35 -16.59
C GLY A 220 -28.82 -8.23 -16.45
N GLU A 221 -29.41 -8.62 -17.58
CA GLU A 221 -30.59 -9.50 -17.58
C GLU A 221 -30.19 -10.89 -17.09
N GLN A 222 -29.07 -11.40 -17.58
CA GLN A 222 -28.56 -12.71 -17.16
C GLN A 222 -27.64 -12.45 -15.97
N TYR A 223 -27.51 -13.43 -15.09
CA TYR A 223 -26.69 -13.27 -13.90
C TYR A 223 -25.89 -14.48 -13.49
N GLN A 224 -24.94 -14.24 -12.59
CA GLN A 224 -24.06 -15.25 -12.04
C GLN A 224 -23.26 -14.52 -10.97
N THR A 225 -22.70 -15.25 -10.03
CA THR A 225 -21.90 -14.63 -8.99
C THR A 225 -20.50 -14.40 -9.58
N HIS A 226 -19.83 -13.34 -9.13
CA HIS A 226 -18.47 -13.05 -9.59
C HIS A 226 -17.65 -12.99 -8.30
N THR A 227 -17.15 -14.15 -7.89
CA THR A 227 -16.40 -14.28 -6.65
C THR A 227 -14.88 -14.21 -6.75
N LEU A 228 -14.30 -13.12 -6.24
CA LEU A 228 -12.85 -12.96 -6.24
C LEU A 228 -12.36 -13.64 -4.96
N GLU A 229 -11.54 -14.67 -5.12
CA GLU A 229 -11.05 -15.46 -4.00
C GLU A 229 -9.70 -15.09 -3.40
N SER A 230 -8.76 -14.68 -4.25
CA SER A 230 -7.44 -14.29 -3.77
C SER A 230 -6.83 -13.31 -4.77
N TRP A 231 -5.83 -12.57 -4.33
CA TRP A 231 -5.21 -11.59 -5.18
C TRP A 231 -3.88 -11.08 -4.62
N SER A 232 -2.85 -11.06 -5.46
CA SER A 232 -1.57 -10.54 -5.05
C SER A 232 -1.12 -9.65 -6.20
N PHE A 233 -0.39 -8.59 -5.87
CA PHE A 233 0.05 -7.65 -6.88
C PHE A 233 1.42 -7.10 -6.52
N THR A 234 2.22 -6.82 -7.53
CA THR A 234 3.55 -6.26 -7.30
C THR A 234 3.94 -5.44 -8.52
N SER A 235 4.56 -4.29 -8.29
CA SER A 235 5.02 -3.45 -9.40
C SER A 235 6.32 -2.81 -8.96
N THR A 236 7.25 -2.68 -9.91
CA THR A 236 8.56 -2.10 -9.65
C THR A 236 8.95 -1.21 -10.82
N LEU A 237 9.26 0.05 -10.55
CA LEU A 237 9.70 0.95 -11.62
C LEU A 237 11.08 0.53 -12.12
N LEU A 238 11.22 0.34 -13.43
CA LEU A 238 12.48 -0.07 -14.01
C LEU A 238 12.91 0.82 -15.18
N TYR A 239 14.21 1.03 -15.32
CA TYR A 239 14.75 1.82 -16.41
C TYR A 239 14.65 1.01 -17.70
N THR A 240 14.06 1.60 -18.74
CA THR A 240 13.90 0.90 -20.01
C THR A 240 14.86 1.41 -21.09
N ALA A 241 15.81 0.58 -21.47
CA ALA A 241 16.77 0.95 -22.51
C ALA A 241 16.92 -0.19 -23.51
N PCA B 1 -4.79 -6.81 3.49
CA PCA B 1 -3.79 -7.81 2.98
CB PCA B 1 -2.94 -7.11 1.93
CG PCA B 1 -3.13 -5.64 2.16
CD PCA B 1 -4.41 -5.46 2.95
OE PCA B 1 -4.84 -4.35 3.20
C PCA B 1 -2.91 -8.40 4.09
O PCA B 1 -2.54 -7.71 5.03
N ASP B 2 -2.60 -9.68 3.95
CA ASP B 2 -1.75 -10.37 4.90
C ASP B 2 -0.30 -9.92 4.75
N SER B 3 0.07 -9.47 3.56
CA SER B 3 1.43 -9.02 3.32
C SER B 3 1.41 -7.70 2.57
N LEU B 4 2.39 -6.85 2.88
CA LEU B 4 2.50 -5.54 2.26
C LEU B 4 3.95 -5.12 2.29
N SER B 5 4.41 -4.48 1.22
CA SER B 5 5.78 -3.98 1.20
C SER B 5 5.83 -2.83 0.23
N PHE B 6 6.74 -1.90 0.47
CA PHE B 6 6.90 -0.76 -0.41
C PHE B 6 8.31 -0.23 -0.23
N GLY B 7 8.84 0.42 -1.25
CA GLY B 7 10.18 0.93 -1.15
C GLY B 7 10.36 2.29 -1.78
N PHE B 8 11.02 3.18 -1.04
CA PHE B 8 11.32 4.51 -1.49
C PHE B 8 12.84 4.66 -1.54
N PRO B 9 13.48 4.34 -2.68
CA PRO B 9 14.94 4.49 -2.72
C PRO B 9 15.28 5.98 -2.54
N THR B 10 14.33 6.84 -2.94
CA THR B 10 14.44 8.29 -2.80
C THR B 10 13.01 8.79 -2.68
N PHE B 11 12.83 10.09 -2.48
CA PHE B 11 11.51 10.68 -2.34
C PHE B 11 11.24 11.83 -3.32
N PRO B 12 10.82 11.51 -4.57
CA PRO B 12 10.54 12.55 -5.55
C PRO B 12 9.38 13.40 -5.00
N SER B 13 9.31 14.66 -5.39
CA SER B 13 8.26 15.54 -4.89
C SER B 13 6.85 15.10 -5.25
N ASP B 14 6.73 14.27 -6.28
CA ASP B 14 5.42 13.81 -6.72
C ASP B 14 4.95 12.60 -5.92
N GLN B 15 4.47 12.83 -4.70
CA GLN B 15 4.02 11.75 -3.81
C GLN B 15 2.50 11.64 -3.71
N LYS B 16 1.99 10.41 -3.69
CA LYS B 16 0.56 10.17 -3.58
C LYS B 16 0.16 9.33 -2.37
N ASN B 17 1.08 8.54 -1.86
CA ASN B 17 0.77 7.66 -0.73
C ASN B 17 1.37 8.00 0.63
N LEU B 18 1.75 9.25 0.83
CA LEU B 18 2.29 9.67 2.11
C LEU B 18 1.35 10.69 2.74
N ILE B 19 1.11 10.53 4.04
CA ILE B 19 0.28 11.46 4.79
C ILE B 19 1.26 12.40 5.48
N PHE B 20 1.24 13.67 5.11
CA PHE B 20 2.13 14.66 5.70
C PHE B 20 1.45 15.36 6.86
N GLN B 21 2.13 15.42 8.02
CA GLN B 21 1.56 16.10 9.17
C GLN B 21 2.56 17.14 9.65
N GLY B 22 2.06 18.23 10.22
CA GLY B 22 2.95 19.27 10.71
C GLY B 22 3.70 19.97 9.60
N ASP B 23 5.01 20.16 9.79
CA ASP B 23 5.84 20.85 8.81
C ASP B 23 6.54 19.93 7.81
N ALA B 24 6.36 18.64 7.96
CA ALA B 24 7.00 17.70 7.05
C ALA B 24 6.71 18.04 5.58
N GLN B 25 7.74 17.94 4.74
CA GLN B 25 7.57 18.20 3.32
C GLN B 25 8.78 17.70 2.54
N ILE B 26 8.60 17.50 1.25
CA ILE B 26 9.68 17.01 0.38
C ILE B 26 10.53 18.13 -0.20
N LYS B 27 11.84 17.94 -0.14
CA LYS B 27 12.80 18.90 -0.70
C LYS B 27 14.03 18.12 -1.12
N ASN B 28 14.53 18.40 -2.31
CA ASN B 28 15.72 17.74 -2.83
C ASN B 28 15.65 16.22 -2.77
N ASN B 29 14.52 15.66 -3.16
CA ASN B 29 14.33 14.21 -3.19
C ASN B 29 14.44 13.50 -1.84
N ALA B 30 14.18 14.24 -0.76
CA ALA B 30 14.23 13.68 0.58
C ALA B 30 13.11 14.30 1.40
N VAL B 31 12.73 13.64 2.48
CA VAL B 31 11.68 14.19 3.33
C VAL B 31 12.32 15.02 4.43
N GLN B 32 11.97 16.29 4.50
CA GLN B 32 12.48 17.15 5.55
C GLN B 32 11.35 17.10 6.57
N LEU B 33 11.54 16.35 7.64
CA LEU B 33 10.51 16.23 8.66
C LEU B 33 10.28 17.54 9.39
N THR B 34 11.35 18.27 9.66
CA THR B 34 11.23 19.56 10.34
C THR B 34 11.43 20.71 9.36
N LYS B 35 10.87 21.86 9.70
CA LYS B 35 10.93 23.05 8.87
C LYS B 35 12.33 23.64 8.69
N THR B 36 12.59 24.10 7.47
CA THR B 36 13.87 24.73 7.12
C THR B 36 13.53 26.03 6.41
N ASP B 37 14.39 27.05 6.53
CA ASP B 37 14.12 28.32 5.87
C ASP B 37 14.41 28.26 4.37
N SER B 38 14.46 29.43 3.74
CA SER B 38 14.72 29.53 2.31
C SER B 38 16.07 28.93 1.93
N ASN B 39 17.07 29.14 2.78
CA ASN B 39 18.41 28.62 2.52
C ASN B 39 18.57 27.14 2.88
N GLY B 40 17.50 26.53 3.38
CA GLY B 40 17.57 25.13 3.75
C GLY B 40 18.17 24.92 5.14
N ASN B 41 18.16 25.99 5.93
CA ASN B 41 18.68 25.93 7.30
C ASN B 41 17.57 25.60 8.28
N PRO B 42 17.88 24.81 9.31
CA PRO B 42 16.90 24.41 10.33
C PRO B 42 16.46 25.58 11.22
N VAL B 43 15.19 25.57 11.61
CA VAL B 43 14.65 26.62 12.47
C VAL B 43 14.05 26.00 13.73
N ALA B 44 13.88 26.82 14.76
CA ALA B 44 13.34 26.33 16.03
C ALA B 44 11.82 26.18 16.02
N SER B 45 11.30 25.48 17.02
CA SER B 45 9.87 25.27 17.18
C SER B 45 9.19 24.70 15.95
N THR B 46 9.51 23.45 15.65
CA THR B 46 8.93 22.78 14.50
C THR B 46 8.75 21.29 14.77
N VAL B 47 7.66 20.74 14.24
CA VAL B 47 7.34 19.32 14.38
C VAL B 47 6.78 18.87 13.04
N GLY B 48 7.10 17.65 12.63
CA GLY B 48 6.60 17.14 11.37
C GLY B 48 6.64 15.62 11.38
N ARG B 49 5.71 14.99 10.67
CA ARG B 49 5.65 13.53 10.62
C ARG B 49 5.09 13.07 9.27
N ILE B 50 5.40 11.84 8.88
CA ILE B 50 4.84 11.27 7.66
C ILE B 50 4.37 9.87 8.02
N LEU B 51 3.38 9.38 7.29
CA LEU B 51 2.84 8.05 7.50
C LEU B 51 2.50 7.50 6.12
N PHE B 52 2.73 6.20 5.91
CA PHE B 52 2.38 5.62 4.63
C PHE B 52 0.84 5.53 4.75
N SER B 53 0.15 5.85 3.66
CA SER B 53 -1.32 5.84 3.69
C SER B 53 -1.98 4.48 3.96
N ALA B 54 -1.51 3.42 3.31
CA ALA B 54 -2.10 2.10 3.52
C ALA B 54 -1.88 1.58 4.93
N GLN B 55 -2.95 1.04 5.53
CA GLN B 55 -2.84 0.49 6.87
C GLN B 55 -2.17 -0.88 6.85
N VAL B 56 -1.37 -1.15 7.86
CA VAL B 56 -0.65 -2.42 7.97
C VAL B 56 -1.39 -3.35 8.94
N HIS B 57 -1.55 -4.61 8.56
CA HIS B 57 -2.24 -5.57 9.42
C HIS B 57 -1.17 -6.19 10.30
N LEU B 58 -1.01 -5.63 11.51
CA LEU B 58 0.00 -6.06 12.48
C LEU B 58 -0.26 -7.42 13.11
N TRP B 59 -1.50 -7.66 13.53
CA TRP B 59 -1.86 -8.96 14.10
C TRP B 59 -3.35 -9.24 13.90
N GLU B 60 -3.73 -10.51 13.98
CA GLU B 60 -5.12 -10.89 13.77
C GLU B 60 -5.58 -11.83 14.88
N LYS B 61 -6.49 -11.33 15.71
CA LYS B 61 -7.00 -12.10 16.83
C LYS B 61 -7.65 -13.42 16.43
N SER B 62 -8.54 -13.37 15.45
CA SER B 62 -9.26 -14.56 15.01
C SER B 62 -8.35 -15.70 14.51
N SER B 63 -7.23 -15.38 13.88
CA SER B 63 -6.33 -16.41 13.37
C SER B 63 -5.09 -16.62 14.22
N SER B 64 -4.98 -15.84 15.30
CA SER B 64 -3.83 -15.96 16.19
C SER B 64 -2.50 -15.72 15.47
N ARG B 65 -2.50 -14.83 14.47
CA ARG B 65 -1.29 -14.53 13.73
C ARG B 65 -0.73 -13.16 14.11
N VAL B 66 0.58 -13.00 13.97
CA VAL B 66 1.25 -11.74 14.27
C VAL B 66 2.21 -11.47 13.12
N ALA B 67 2.32 -10.21 12.73
CA ALA B 67 3.19 -9.86 11.62
C ALA B 67 4.68 -9.87 11.92
N ASN B 68 5.44 -10.31 10.94
CA ASN B 68 6.89 -10.30 11.00
C ASN B 68 7.16 -9.11 10.10
N PHE B 69 7.83 -8.07 10.59
CA PHE B 69 8.07 -6.93 9.71
C PHE B 69 9.50 -6.44 9.75
N GLN B 70 9.86 -5.69 8.72
CA GLN B 70 11.21 -5.15 8.61
C GLN B 70 11.14 -3.75 8.02
N SER B 71 11.86 -2.81 8.62
CA SER B 71 11.86 -1.43 8.13
C SER B 71 13.31 -1.00 8.01
N GLN B 72 13.73 -0.69 6.78
CA GLN B 72 15.11 -0.27 6.52
C GLN B 72 15.02 1.19 6.11
N PHE B 73 15.90 2.02 6.66
CA PHE B 73 15.85 3.43 6.29
C PHE B 73 17.15 4.17 6.61
N SER B 74 17.30 5.36 6.04
CA SER B 74 18.50 6.14 6.27
C SER B 74 18.11 7.60 6.43
N PHE B 75 18.80 8.29 7.33
CA PHE B 75 18.53 9.70 7.56
C PHE B 75 19.84 10.39 7.91
N SER B 76 19.80 11.71 7.92
CA SER B 76 20.96 12.51 8.26
C SER B 76 20.44 13.72 9.04
N LEU B 77 21.23 14.17 10.00
CA LEU B 77 20.87 15.32 10.82
C LEU B 77 21.93 16.38 10.60
N LYS B 78 21.53 17.65 10.54
CA LYS B 78 22.53 18.69 10.33
C LYS B 78 22.18 19.95 11.10
N SER B 79 23.18 20.56 11.72
CA SER B 79 22.98 21.78 12.49
C SER B 79 24.25 22.56 12.75
N PRO B 80 24.18 23.91 12.67
CA PRO B 80 25.32 24.81 12.89
C PRO B 80 25.62 24.87 14.39
N LEU B 81 24.63 24.47 15.20
CA LEU B 81 24.74 24.49 16.66
C LEU B 81 25.51 23.31 17.25
N SER B 82 26.01 23.50 18.46
CA SER B 82 26.76 22.47 19.19
C SER B 82 25.83 21.36 19.66
N ASN B 83 24.58 21.71 19.94
CA ASN B 83 23.60 20.76 20.45
C ASN B 83 22.32 20.71 19.62
N GLY B 84 22.40 20.15 18.42
CA GLY B 84 21.21 20.04 17.58
C GLY B 84 20.15 19.22 18.31
N ALA B 85 18.90 19.60 18.12
CA ALA B 85 17.78 18.94 18.77
C ALA B 85 16.61 18.87 17.79
N ASP B 86 15.61 18.03 18.06
CA ASP B 86 15.56 17.14 19.22
C ASP B 86 15.74 15.66 18.90
N GLY B 87 15.49 15.29 17.65
CA GLY B 87 15.65 13.89 17.27
C GLY B 87 14.59 13.41 16.30
N ILE B 88 14.79 12.22 15.76
CA ILE B 88 13.87 11.63 14.81
C ILE B 88 13.49 10.24 15.28
N ALA B 89 12.29 9.79 14.91
CA ALA B 89 11.85 8.47 15.32
C ALA B 89 11.02 7.76 14.28
N PHE B 90 11.17 6.44 14.23
CA PHE B 90 10.39 5.58 13.36
C PHE B 90 9.31 5.11 14.34
N PHE B 91 8.04 5.15 13.94
CA PHE B 91 7.03 4.70 14.88
C PHE B 91 5.86 3.95 14.26
N ILE B 92 5.10 3.30 15.14
CA ILE B 92 3.93 2.52 14.76
C ILE B 92 2.84 2.95 15.72
N ALA B 93 1.69 3.34 15.19
CA ALA B 93 0.60 3.80 16.03
C ALA B 93 -0.75 3.55 15.37
N PRO B 94 -1.84 3.80 16.11
CA PRO B 94 -3.19 3.59 15.56
C PRO B 94 -3.32 4.39 14.27
N PRO B 95 -4.13 3.90 13.30
CA PRO B 95 -4.34 4.55 12.02
C PRO B 95 -4.73 6.03 12.03
N ASP B 96 -5.49 6.46 13.03
CA ASP B 96 -5.93 7.84 13.09
C ASP B 96 -5.01 8.76 13.89
N THR B 97 -3.76 8.35 14.06
CA THR B 97 -2.80 9.14 14.83
C THR B 97 -2.50 10.50 14.20
N THR B 98 -2.42 11.52 15.05
CA THR B 98 -2.11 12.89 14.63
C THR B 98 -1.15 13.48 15.67
N ILE B 99 -0.53 14.60 15.34
CA ILE B 99 0.40 15.25 16.25
C ILE B 99 -0.33 15.74 17.50
N PRO B 100 0.05 15.22 18.68
CA PRO B 100 -0.58 15.63 19.93
C PRO B 100 -0.29 17.09 20.24
N SER B 101 -1.21 17.77 20.91
CA SER B 101 -1.03 19.17 21.26
C SER B 101 0.13 19.29 22.24
N GLY B 102 1.06 20.20 21.95
CA GLY B 102 2.21 20.42 22.82
C GLY B 102 3.25 19.31 22.83
N SER B 103 3.35 18.56 21.74
CA SER B 103 4.31 17.47 21.67
C SER B 103 5.63 17.85 20.99
N GLY B 104 5.92 19.14 20.95
CA GLY B 104 7.16 19.59 20.32
C GLY B 104 8.39 19.26 21.14
N GLY B 105 9.54 19.77 20.68
CA GLY B 105 10.79 19.54 21.37
C GLY B 105 11.12 18.11 21.75
N GLY B 106 11.47 17.92 23.02
CA GLY B 106 11.84 16.60 23.53
C GLY B 106 10.79 15.51 23.48
N LEU B 107 9.54 15.87 23.19
CA LEU B 107 8.48 14.88 23.10
C LEU B 107 8.39 14.30 21.69
N LEU B 108 9.27 14.81 20.80
CA LEU B 108 9.39 14.32 19.43
C LEU B 108 8.15 14.26 18.56
N GLY B 109 7.10 14.96 18.96
CA GLY B 109 5.88 14.95 18.17
C GLY B 109 5.10 13.65 18.34
N LEU B 110 5.45 12.88 19.36
CA LEU B 110 4.80 11.60 19.63
C LEU B 110 3.90 11.57 20.88
N PHE B 111 4.25 12.33 21.91
CA PHE B 111 3.45 12.33 23.13
C PHE B 111 2.98 13.69 23.60
N ALA B 112 1.88 13.70 24.34
CA ALA B 112 1.33 14.92 24.90
C ALA B 112 2.03 15.09 26.24
N PRO B 113 2.29 16.33 26.67
CA PRO B 113 2.98 16.57 27.94
C PRO B 113 2.34 15.87 29.14
N GLY B 114 1.03 16.02 29.28
CA GLY B 114 0.34 15.41 30.42
C GLY B 114 0.45 13.90 30.56
N THR B 115 0.61 13.18 29.47
CA THR B 115 0.69 11.73 29.53
C THR B 115 1.94 11.12 28.88
N ALA B 116 2.97 11.94 28.67
CA ALA B 116 4.21 11.49 28.03
C ALA B 116 4.85 10.26 28.68
N GLN B 117 4.66 10.10 29.99
CA GLN B 117 5.25 8.96 30.68
C GLN B 117 4.21 8.02 31.27
N ASN B 118 2.96 8.16 30.85
CA ASN B 118 1.89 7.29 31.34
C ASN B 118 1.67 6.22 30.27
N THR B 119 2.22 5.04 30.51
CA THR B 119 2.12 3.94 29.55
C THR B 119 0.71 3.44 29.24
N SER B 120 -0.24 3.69 30.14
CA SER B 120 -1.61 3.23 29.90
C SER B 120 -2.44 4.26 29.14
N ALA B 121 -1.85 5.43 28.89
CA ALA B 121 -2.57 6.47 28.16
C ALA B 121 -2.14 6.55 26.70
N ASN B 122 -1.12 5.76 26.34
CA ASN B 122 -0.60 5.78 24.97
C ASN B 122 -0.64 4.43 24.27
N GLN B 123 -0.55 4.50 22.94
CA GLN B 123 -0.50 3.32 22.09
C GLN B 123 0.49 3.65 20.98
N VAL B 124 1.76 3.40 21.26
CA VAL B 124 2.81 3.67 20.27
C VAL B 124 4.10 2.94 20.59
N ILE B 125 4.77 2.47 19.54
CA ILE B 125 6.06 1.81 19.65
C ILE B 125 6.93 2.62 18.70
N ALA B 126 8.05 3.14 19.21
CA ALA B 126 8.93 3.93 18.38
C ALA B 126 10.39 3.65 18.69
N VAL B 127 11.23 3.85 17.69
CA VAL B 127 12.66 3.70 17.83
C VAL B 127 13.14 5.14 17.64
N GLU B 128 13.69 5.72 18.70
CA GLU B 128 14.16 7.10 18.64
C GLU B 128 15.67 7.27 18.55
N PHE B 129 16.07 8.34 17.87
CA PHE B 129 17.48 8.70 17.72
C PHE B 129 17.44 10.09 18.34
N ASP B 130 17.77 10.10 19.63
CA ASP B 130 17.69 11.28 20.47
C ASP B 130 19.01 12.02 20.65
N THR B 131 19.08 13.25 20.15
CA THR B 131 20.31 14.02 20.25
C THR B 131 20.34 15.08 21.37
N PHE B 132 19.21 15.32 22.02
CA PHE B 132 19.17 16.34 23.07
C PHE B 132 18.77 15.70 24.40
N TYR B 133 19.64 15.84 25.40
CA TYR B 133 19.40 15.21 26.69
C TYR B 133 19.60 16.11 27.93
N ALA B 134 19.53 17.43 27.75
CA ALA B 134 19.70 18.35 28.88
C ALA B 134 18.88 17.85 30.06
N GLN B 135 19.56 17.49 31.14
CA GLN B 135 18.92 16.96 32.33
C GLN B 135 17.90 17.87 33.01
N ASP B 136 17.86 19.15 32.66
CA ASP B 136 16.92 20.07 33.27
C ASP B 136 15.56 20.08 32.57
N SER B 137 15.55 19.72 31.28
CA SER B 137 14.31 19.68 30.52
C SER B 137 13.90 18.26 30.16
N ASN B 138 14.80 17.51 29.54
CA ASN B 138 14.51 16.11 29.18
C ASN B 138 14.94 15.23 30.35
N THR B 139 14.27 15.42 31.48
CA THR B 139 14.60 14.70 32.71
C THR B 139 14.55 13.18 32.60
N TRP B 140 13.78 12.68 31.63
CA TRP B 140 13.63 11.25 31.42
C TRP B 140 14.79 10.60 30.66
N ASP B 141 15.62 11.42 30.03
CA ASP B 141 16.76 10.90 29.26
C ASP B 141 18.05 10.58 30.00
N PRO B 142 18.82 9.64 29.44
CA PRO B 142 20.10 9.29 30.03
C PRO B 142 20.95 10.52 29.68
N ASN B 143 22.11 10.70 30.30
CA ASN B 143 22.89 11.90 30.01
C ASN B 143 23.87 11.79 28.83
N TYR B 144 23.35 11.47 27.65
CA TYR B 144 24.14 11.35 26.43
C TYR B 144 23.26 11.03 25.23
N PRO B 145 23.74 11.32 24.01
CA PRO B 145 22.94 11.03 22.80
C PRO B 145 22.70 9.52 22.79
N HIS B 146 21.51 9.11 22.36
CA HIS B 146 21.19 7.69 22.41
C HIS B 146 20.12 7.22 21.44
N ILE B 147 20.08 5.90 21.26
CA ILE B 147 19.06 5.26 20.46
C ILE B 147 18.17 4.63 21.52
N GLY B 148 16.87 4.83 21.42
CA GLY B 148 16.00 4.26 22.42
C GLY B 148 14.78 3.57 21.85
N ILE B 149 14.25 2.61 22.60
CA ILE B 149 13.06 1.91 22.18
C ILE B 149 12.00 2.46 23.12
N ASP B 150 10.95 3.03 22.53
CA ASP B 150 9.87 3.64 23.29
C ASP B 150 8.58 2.84 23.17
N VAL B 151 8.04 2.40 24.29
CA VAL B 151 6.79 1.65 24.30
C VAL B 151 5.80 2.39 25.18
N ASN B 152 4.91 3.17 24.55
CA ASN B 152 3.89 3.95 25.25
C ASN B 152 4.41 5.02 26.23
N SER B 153 5.67 5.41 26.07
CA SER B 153 6.27 6.42 26.94
C SER B 153 7.54 7.06 26.36
N ILE B 154 7.71 8.35 26.59
CA ILE B 154 8.87 9.07 26.10
C ILE B 154 10.12 8.59 26.86
N ARG B 155 9.89 7.91 27.98
CA ARG B 155 10.99 7.36 28.76
C ARG B 155 11.25 5.95 28.24
N SER B 156 12.25 5.84 27.37
CA SER B 156 12.62 4.59 26.72
C SER B 156 12.72 3.40 27.68
N VAL B 157 12.23 2.24 27.23
CA VAL B 157 12.31 1.04 28.05
C VAL B 157 13.75 0.54 27.98
N LYS B 158 14.49 1.04 26.99
CA LYS B 158 15.88 0.65 26.79
C LYS B 158 16.60 1.69 25.91
N THR B 159 17.87 1.97 26.21
CA THR B 159 18.66 2.90 25.40
C THR B 159 20.08 2.38 25.33
N VAL B 160 20.81 2.81 24.29
CA VAL B 160 22.21 2.45 24.13
C VAL B 160 22.89 3.73 23.68
N LYS B 161 24.15 3.91 24.08
CA LYS B 161 24.90 5.10 23.72
C LYS B 161 25.04 5.18 22.20
N TRP B 162 24.90 6.40 21.68
CA TRP B 162 24.98 6.62 20.24
C TRP B 162 25.74 7.92 19.97
N ASP B 163 26.40 7.99 18.82
CA ASP B 163 27.13 9.20 18.47
C ASP B 163 26.43 9.93 17.34
N ARG B 164 26.21 11.23 17.52
CA ARG B 164 25.59 12.04 16.49
C ARG B 164 26.73 12.49 15.60
N ARG B 165 26.56 12.39 14.28
CA ARG B 165 27.60 12.82 13.34
C ARG B 165 26.91 13.74 12.37
N ASP B 166 27.26 15.02 12.43
CA ASP B 166 26.64 16.04 11.59
C ASP B 166 26.80 15.77 10.10
N GLY B 167 25.68 15.74 9.38
CA GLY B 167 25.71 15.53 7.95
C GLY B 167 26.00 14.14 7.42
N GLN B 168 26.14 13.15 8.31
CA GLN B 168 26.41 11.79 7.87
C GLN B 168 25.15 10.93 7.94
N SER B 169 24.94 10.11 6.91
CA SER B 169 23.77 9.25 6.87
C SER B 169 23.92 8.03 7.75
N LEU B 170 22.87 7.74 8.51
CA LEU B 170 22.86 6.57 9.37
C LEU B 170 21.88 5.59 8.71
N ASN B 171 22.32 4.36 8.48
CA ASN B 171 21.45 3.35 7.90
C ASN B 171 20.93 2.51 9.06
N VAL B 172 19.62 2.31 9.09
CA VAL B 172 18.99 1.56 10.19
C VAL B 172 18.10 0.42 9.70
N LEU B 173 18.14 -0.70 10.41
CA LEU B 173 17.29 -1.83 10.09
C LEU B 173 16.53 -2.18 11.39
N VAL B 174 15.20 -2.06 11.35
CA VAL B 174 14.36 -2.39 12.50
C VAL B 174 13.59 -3.65 12.10
N THR B 175 13.70 -4.68 12.93
CA THR B 175 13.05 -5.96 12.68
C THR B 175 12.24 -6.45 13.87
N PHE B 176 11.15 -7.14 13.59
CA PHE B 176 10.32 -7.73 14.64
C PHE B 176 10.01 -9.16 14.25
N ASN B 177 10.43 -10.10 15.09
CA ASN B 177 10.20 -11.52 14.85
C ASN B 177 9.08 -11.92 15.82
N PRO B 178 7.90 -12.27 15.30
CA PRO B 178 6.77 -12.66 16.15
C PRO B 178 7.02 -13.96 16.94
N SER B 179 7.92 -14.79 16.42
CA SER B 179 8.25 -16.05 17.06
C SER B 179 8.94 -15.84 18.43
N THR B 180 9.90 -14.93 18.45
CA THR B 180 10.63 -14.62 19.68
C THR B 180 10.15 -13.33 20.33
N ARG B 181 9.33 -12.57 19.61
CA ARG B 181 8.82 -11.29 20.10
C ARG B 181 9.94 -10.28 20.29
N ASN B 182 11.05 -10.51 19.61
CA ASN B 182 12.20 -9.61 19.68
C ASN B 182 12.12 -8.49 18.65
N LEU B 183 12.29 -7.26 19.13
CA LEU B 183 12.30 -6.10 18.26
C LEU B 183 13.79 -5.73 18.23
N ASP B 184 14.43 -5.91 17.08
CA ASP B 184 15.85 -5.62 16.95
C ASP B 184 16.12 -4.36 16.15
N VAL B 185 17.12 -3.61 16.60
CA VAL B 185 17.53 -2.40 15.92
C VAL B 185 19.02 -2.48 15.62
N VAL B 186 19.39 -2.26 14.37
CA VAL B 186 20.79 -2.28 13.97
C VAL B 186 21.03 -1.00 13.15
N ALA B 187 21.92 -0.14 13.62
CA ALA B 187 22.20 1.10 12.89
C ALA B 187 23.69 1.17 12.60
N THR B 188 24.04 1.70 11.43
CA THR B 188 25.44 1.82 11.04
C THR B 188 25.76 3.10 10.27
N TYR B 189 26.97 3.60 10.46
CA TYR B 189 27.44 4.77 9.70
C TYR B 189 28.27 4.18 8.56
N SER B 190 28.61 4.98 7.55
CA SER B 190 29.36 4.47 6.40
C SER B 190 30.76 3.94 6.69
N ASP B 191 31.32 4.29 7.84
CA ASP B 191 32.66 3.82 8.19
C ASP B 191 32.62 2.47 8.91
N GLY B 192 31.43 1.92 9.07
CA GLY B 192 31.32 0.63 9.74
C GLY B 192 30.94 0.70 11.22
N THR B 193 30.89 1.89 11.78
CA THR B 193 30.52 2.03 13.20
C THR B 193 29.09 1.48 13.35
N ARG B 194 28.92 0.56 14.28
CA ARG B 194 27.65 -0.13 14.49
C ARG B 194 27.05 0.00 15.88
N TYR B 195 25.72 0.08 15.96
CA TYR B 195 25.02 0.16 17.23
C TYR B 195 23.88 -0.85 17.19
N GLU B 196 23.70 -1.62 18.26
CA GLU B 196 22.65 -2.62 18.31
C GLU B 196 21.89 -2.57 19.63
N VAL B 197 20.57 -2.76 19.54
CA VAL B 197 19.75 -2.77 20.73
C VAL B 197 18.55 -3.65 20.41
N SER B 198 18.13 -4.44 21.40
CA SER B 198 17.02 -5.37 21.23
C SER B 198 16.10 -5.37 22.44
N TYR B 199 14.82 -5.63 22.20
CA TYR B 199 13.85 -5.64 23.28
C TYR B 199 12.72 -6.62 22.99
N GLU B 200 12.28 -7.33 24.01
CA GLU B 200 11.19 -8.29 23.85
C GLU B 200 9.88 -7.60 24.19
N VAL B 201 8.94 -7.61 23.25
CA VAL B 201 7.64 -7.00 23.46
C VAL B 201 6.55 -7.69 22.65
N ASP B 202 5.41 -7.92 23.30
CA ASP B 202 4.28 -8.55 22.63
C ASP B 202 3.50 -7.38 22.04
N VAL B 203 3.59 -7.19 20.74
CA VAL B 203 2.91 -6.06 20.12
C VAL B 203 1.39 -6.11 20.27
N ARG B 204 0.83 -7.31 20.44
CA ARG B 204 -0.62 -7.46 20.59
C ARG B 204 -1.18 -6.77 21.83
N SER B 205 -0.36 -6.62 22.87
CA SER B 205 -0.84 -5.97 24.09
C SER B 205 -0.59 -4.47 24.09
N VAL B 206 -0.02 -3.96 23.01
CA VAL B 206 0.29 -2.53 22.91
C VAL B 206 -0.46 -1.81 21.79
N LEU B 207 -0.59 -2.46 20.64
CA LEU B 207 -1.22 -1.84 19.49
C LEU B 207 -2.43 -2.58 18.92
N PRO B 208 -3.34 -1.84 18.27
CA PRO B 208 -4.53 -2.44 17.67
C PRO B 208 -4.10 -3.35 16.50
N GLU B 209 -5.04 -4.10 15.94
CA GLU B 209 -4.73 -5.02 14.85
C GLU B 209 -4.22 -4.32 13.59
N TRP B 210 -4.80 -3.17 13.26
CA TRP B 210 -4.37 -2.42 12.10
C TRP B 210 -3.67 -1.15 12.57
N VAL B 211 -2.57 -0.80 11.90
CA VAL B 211 -1.81 0.38 12.28
C VAL B 211 -1.23 1.10 11.07
N ARG B 212 -0.63 2.26 11.32
CA ARG B 212 0.06 3.01 10.28
C ARG B 212 1.49 3.15 10.78
N VAL B 213 2.43 3.19 9.85
CA VAL B 213 3.83 3.31 10.21
C VAL B 213 4.38 4.57 9.58
N GLY B 214 5.39 5.15 10.21
CA GLY B 214 5.96 6.36 9.66
C GLY B 214 7.09 6.92 10.50
N PHE B 215 7.38 8.20 10.30
CA PHE B 215 8.45 8.87 11.03
C PHE B 215 7.99 10.18 11.64
N SER B 216 8.66 10.58 12.71
CA SER B 216 8.35 11.82 13.39
C SER B 216 9.63 12.50 13.84
N ALA B 217 9.64 13.83 13.84
CA ALA B 217 10.81 14.57 14.28
C ALA B 217 10.36 15.91 14.82
N ALA B 218 11.19 16.52 15.65
CA ALA B 218 10.85 17.81 16.24
C ALA B 218 12.11 18.55 16.69
N SER B 219 11.96 19.87 16.80
CA SER B 219 13.03 20.76 17.28
C SER B 219 12.34 21.79 18.19
N GLY B 220 12.88 21.97 19.39
CA GLY B 220 12.32 22.95 20.30
C GLY B 220 13.16 24.21 20.23
N GLU B 221 13.83 24.56 21.33
CA GLU B 221 14.69 25.74 21.38
C GLU B 221 15.91 25.52 20.49
N GLN B 222 16.49 24.33 20.57
CA GLN B 222 17.64 23.97 19.73
C GLN B 222 17.05 23.30 18.49
N TYR B 223 17.82 23.26 17.41
CA TYR B 223 17.32 22.70 16.17
C TYR B 223 18.36 22.06 15.28
N GLN B 224 17.85 21.34 14.30
CA GLN B 224 18.66 20.63 13.31
C GLN B 224 17.67 20.08 12.29
N THR B 225 18.17 19.80 11.10
CA THR B 225 17.32 19.22 10.06
C THR B 225 17.22 17.72 10.39
N HIS B 226 16.09 17.11 10.03
CA HIS B 226 15.88 15.69 10.22
C HIS B 226 15.43 15.22 8.84
N THR B 227 16.40 14.75 8.06
CA THR B 227 16.15 14.35 6.69
C THR B 227 16.06 12.85 6.45
N LEU B 228 14.88 12.40 6.03
CA LEU B 228 14.67 10.99 5.73
C LEU B 228 15.05 10.85 4.27
N GLU B 229 16.08 10.05 4.02
CA GLU B 229 16.63 9.84 2.68
C GLU B 229 16.06 8.66 1.89
N SER B 230 15.76 7.57 2.57
CA SER B 230 15.21 6.39 1.91
C SER B 230 14.45 5.54 2.94
N TRP B 231 13.55 4.71 2.45
CA TRP B 231 12.77 3.87 3.35
C TRP B 231 12.12 2.70 2.62
N SER B 232 12.31 1.49 3.14
CA SER B 232 11.68 0.32 2.54
C SER B 232 11.02 -0.41 3.72
N PHE B 233 9.84 -0.96 3.47
CA PHE B 233 9.12 -1.65 4.53
C PHE B 233 8.44 -2.91 4.01
N THR B 234 8.39 -3.93 4.85
CA THR B 234 7.74 -5.18 4.48
C THR B 234 7.16 -5.81 5.75
N SER B 235 5.97 -6.40 5.62
CA SER B 235 5.33 -7.08 6.73
C SER B 235 4.50 -8.24 6.20
N THR B 236 4.48 -9.34 6.96
CA THR B 236 3.74 -10.54 6.59
C THR B 236 3.19 -11.22 7.83
N LEU B 237 1.88 -11.47 7.84
CA LEU B 237 1.26 -12.15 8.97
C LEU B 237 1.74 -13.59 9.02
N LEU B 238 2.04 -14.08 10.22
CA LEU B 238 2.51 -15.45 10.40
C LEU B 238 1.90 -16.12 11.63
N TYR B 239 1.69 -17.43 11.53
CA TYR B 239 1.15 -18.19 12.65
C TYR B 239 2.23 -18.26 13.73
N THR B 240 1.84 -17.99 14.97
CA THR B 240 2.78 -18.03 16.08
C THR B 240 2.51 -19.23 16.96
N ALA B 241 3.39 -20.23 16.87
CA ALA B 241 3.26 -21.45 17.65
C ALA B 241 4.62 -22.07 17.95
C1 MMA C . -33.08 -9.28 -23.81
C2 MMA C . -33.50 -8.87 -25.24
C3 MMA C . -32.30 -8.36 -26.02
C4 MMA C . -31.60 -7.25 -25.24
C5 MMA C . -31.22 -7.80 -23.87
C6 MMA C . -30.45 -6.84 -22.99
C7 MMA C . -31.98 -11.07 -22.64
O1 MMA C . -32.21 -10.37 -23.87
O2 MMA C . -34.50 -7.87 -25.18
O3 MMA C . -32.71 -7.87 -27.29
O4 MMA C . -30.44 -6.82 -25.95
O5 MMA C . -32.40 -8.20 -23.17
O6 MMA C . -29.31 -7.52 -22.47
C1 MAN C . -29.03 -7.19 -21.14
C2 MAN C . -28.05 -6.01 -21.10
C3 MAN C . -26.69 -6.43 -21.67
C4 MAN C . -26.17 -7.70 -20.96
C5 MAN C . -27.25 -8.80 -20.98
C6 MAN C . -26.85 -10.03 -20.20
O2 MAN C . -27.89 -5.56 -19.77
O3 MAN C . -25.76 -5.39 -21.50
O4 MAN C . -25.02 -8.17 -21.63
O5 MAN C . -28.47 -8.29 -20.42
O6 MAN C . -27.03 -9.83 -18.81
C1 MMA D . 15.42 27.36 27.81
C2 MMA D . 15.72 27.12 29.30
C3 MMA D . 15.91 25.62 29.55
C4 MMA D . 14.71 24.85 29.04
C5 MMA D . 14.46 25.19 27.58
C6 MMA D . 13.27 24.49 26.98
C7 MMA D . 16.47 27.25 25.66
O1 MMA D . 16.50 26.93 27.04
O2 MMA D . 14.64 27.59 30.08
O3 MMA D . 16.10 25.39 30.94
O4 MMA D . 14.95 23.46 29.18
O5 MMA D . 14.26 26.61 27.42
O6 MMA D . 13.71 23.37 26.20
C1 MAN D . 13.11 23.33 24.93
C2 MAN D . 11.95 22.34 24.95
C3 MAN D . 12.47 20.90 25.13
C4 MAN D . 13.56 20.58 24.10
C5 MAN D . 14.64 21.67 24.10
C6 MAN D . 15.67 21.49 23.00
O2 MAN D . 11.24 22.43 23.73
O3 MAN D . 11.40 19.99 24.99
O4 MAN D . 14.14 19.33 24.41
O5 MAN D . 14.04 22.97 23.92
O6 MAN D . 15.14 21.84 21.72
MN MN E . -16.00 -9.23 -24.57
CA CA F . -20.01 -9.62 -23.27
MN MN G . 15.38 9.84 24.73
CA CA H . 15.65 13.95 24.32
#